data_7RDT
#
_entry.id   7RDT
#
_cell.length_a   42.370
_cell.length_b   71.680
_cell.length_c   86.520
_cell.angle_alpha   90.000
_cell.angle_beta   90.000
_cell.angle_gamma   90.000
#
_symmetry.space_group_name_H-M   'P 21 21 21'
#
loop_
_entity.id
_entity.type
_entity.pdbx_description
1 polymer 'Isoform 3 of Endonuclease III-like protein 1'
2 non-polymer 'IRON/SULFUR CLUSTER'
3 water water
#
_entity_poly.entity_id   1
_entity_poly.type   'polypeptide(L)'
_entity_poly.pdbx_seq_one_letter_code
;MLRVAYEGSDSEKGEGAEPLKVPVWEPQDWQQQLVNIRAMRNKKDAPTTELNFSSPKVRRYQVLLSLMLSSQTKDQVTAG
AMQRLRARGLTVDSILQTDDATLGKLIYPVGFWRSKVKYIKQTSAILQQHYGGDIPASVAELVALPGVGPKMAHLAMAVA
WGTVSGIAVDTHVHRIANRLRWTKKATKSPEETRAALEEWLPRELWHEINGLLVGFGQQTCLPVHPRCHACLNQALCPAA
QGLEHHHHHH
;
_entity_poly.pdbx_strand_id   A
#
# COMPACT_ATOMS: atom_id res chain seq x y z
N VAL A 24 -15.01 -16.76 17.83
CA VAL A 24 -14.03 -16.06 17.00
C VAL A 24 -12.89 -15.54 17.85
N TRP A 25 -11.70 -16.08 17.62
CA TRP A 25 -10.51 -15.68 18.37
C TRP A 25 -10.08 -14.26 18.00
N GLU A 26 -9.57 -13.55 19.00
CA GLU A 26 -9.02 -12.21 18.79
C GLU A 26 -7.88 -12.01 19.78
N PRO A 27 -6.86 -11.23 19.41
CA PRO A 27 -5.69 -11.10 20.29
C PRO A 27 -6.00 -10.29 21.53
N GLN A 28 -5.23 -10.56 22.58
CA GLN A 28 -5.37 -9.83 23.83
C GLN A 28 -4.77 -8.43 23.69
N ASP A 29 -5.47 -7.44 24.26
CA ASP A 29 -5.00 -6.06 24.39
C ASP A 29 -4.89 -5.33 23.05
N TRP A 30 -5.52 -5.82 21.99
CA TRP A 30 -5.31 -5.20 20.68
C TRP A 30 -5.88 -3.79 20.62
N GLN A 31 -6.98 -3.53 21.33
CA GLN A 31 -7.55 -2.18 21.34
C GLN A 31 -6.55 -1.17 21.90
N GLN A 32 -5.99 -1.46 23.08
CA GLN A 32 -5.04 -0.55 23.69
C GLN A 32 -3.76 -0.45 22.88
N GLN A 33 -3.33 -1.56 22.27
CA GLN A 33 -2.13 -1.53 21.44
C GLN A 33 -2.32 -0.60 20.24
N LEU A 34 -3.50 -0.63 19.62
CA LEU A 34 -3.76 0.28 18.51
C LEU A 34 -3.85 1.71 18.99
N VAL A 35 -4.38 1.93 20.19
CA VAL A 35 -4.42 3.28 20.76
C VAL A 35 -3.01 3.81 20.96
N ASN A 36 -2.09 2.95 21.40
CA ASN A 36 -0.71 3.38 21.60
C ASN A 36 -0.02 3.69 20.28
N ILE A 37 -0.28 2.89 19.25
CA ILE A 37 0.29 3.15 17.93
C ILE A 37 -0.24 4.47 17.38
N ARG A 38 -1.51 4.78 17.66
CA ARG A 38 -2.07 6.06 17.24
C ARG A 38 -1.38 7.22 17.94
N ALA A 39 -0.99 7.04 19.20
CA ALA A 39 -0.33 8.10 19.95
C ALA A 39 1.14 8.26 19.58
N MET A 40 1.77 7.22 19.03
CA MET A 40 3.20 7.26 18.73
C MET A 40 3.51 7.80 17.34
N ARG A 41 2.50 8.02 16.50
CA ARG A 41 2.74 8.53 15.17
C ARG A 41 3.35 9.93 15.23
N ASN A 42 4.06 10.30 14.17
CA ASN A 42 4.79 11.55 14.10
C ASN A 42 3.87 12.67 13.64
N LYS A 43 4.45 13.85 13.40
CA LYS A 43 3.68 15.01 12.98
C LYS A 43 3.32 14.90 11.50
N LYS A 44 2.23 15.57 11.13
CA LYS A 44 1.70 15.51 9.77
C LYS A 44 2.19 16.70 8.96
N THR A 49 -0.24 17.29 0.10
CA THR A 49 -1.50 17.95 -0.18
C THR A 49 -2.36 17.03 -1.03
N GLU A 50 -3.54 17.48 -1.40
CA GLU A 50 -4.43 16.75 -2.28
C GLU A 50 -4.35 17.33 -3.68
N LEU A 51 -4.04 16.48 -4.66
CA LEU A 51 -3.77 16.94 -6.01
C LEU A 51 -5.06 17.17 -6.78
N ASN A 52 -4.94 17.95 -7.87
CA ASN A 52 -6.06 18.27 -8.73
C ASN A 52 -6.17 17.24 -9.84
N PHE A 53 -7.36 16.65 -9.97
CA PHE A 53 -7.66 15.69 -11.03
C PHE A 53 -8.77 16.23 -11.91
N SER A 54 -8.61 16.07 -13.22
CA SER A 54 -9.58 16.62 -14.17
C SER A 54 -10.93 15.94 -14.05
N SER A 55 -10.95 14.68 -13.60
CA SER A 55 -12.20 13.94 -13.47
C SER A 55 -11.96 12.80 -12.48
N PRO A 56 -13.03 12.26 -11.87
CA PRO A 56 -12.84 11.09 -11.01
C PRO A 56 -12.26 9.90 -11.75
N LYS A 57 -12.55 9.76 -13.04
CA LYS A 57 -12.01 8.63 -13.80
C LYS A 57 -10.51 8.74 -13.99
N VAL A 58 -10.02 9.94 -14.31
CA VAL A 58 -8.58 10.14 -14.42
C VAL A 58 -7.91 9.98 -13.07
N ARG A 59 -8.58 10.39 -11.99
CA ARG A 59 -8.03 10.22 -10.66
C ARG A 59 -7.79 8.74 -10.34
N ARG A 60 -8.74 7.88 -10.71
CA ARG A 60 -8.58 6.45 -10.44
C ARG A 60 -7.34 5.89 -11.12
N TYR A 61 -7.09 6.32 -12.37
CA TYR A 61 -5.89 5.86 -13.07
C TYR A 61 -4.63 6.36 -12.38
N GLN A 62 -4.61 7.62 -11.96
CA GLN A 62 -3.42 8.16 -11.29
C GLN A 62 -3.23 7.56 -9.91
N VAL A 63 -4.33 7.20 -9.22
CA VAL A 63 -4.22 6.49 -7.95
C VAL A 63 -3.52 5.14 -8.15
N LEU A 64 -3.95 4.41 -9.19
CA LEU A 64 -3.34 3.10 -9.46
C LEU A 64 -1.88 3.25 -9.85
N LEU A 65 -1.55 4.28 -10.63
CA LEU A 65 -0.17 4.46 -11.07
C LEU A 65 0.76 4.80 -9.91
N SER A 66 0.30 5.61 -8.97
CA SER A 66 1.14 5.96 -7.83
C SER A 66 1.38 4.74 -6.94
N LEU A 67 0.40 3.85 -6.82
CA LEU A 67 0.63 2.60 -6.09
C LEU A 67 1.65 1.73 -6.79
N MET A 68 1.65 1.73 -8.13
CA MET A 68 2.60 0.90 -8.87
C MET A 68 4.00 1.48 -8.86
N LEU A 69 4.16 2.76 -8.53
CA LEU A 69 5.46 3.42 -8.52
C LEU A 69 6.14 3.42 -7.16
N SER A 70 5.41 3.16 -6.08
CA SER A 70 5.93 3.39 -4.74
C SER A 70 6.86 2.29 -4.23
N SER A 71 6.94 1.16 -4.92
CA SER A 71 7.71 0.01 -4.43
C SER A 71 9.18 0.40 -4.22
N GLN A 72 9.67 0.17 -2.99
CA GLN A 72 11.06 0.44 -2.63
C GLN A 72 11.46 1.86 -3.01
N THR A 73 10.60 2.81 -2.63
CA THR A 73 10.81 4.19 -3.03
C THR A 73 10.29 5.11 -1.93
N LYS A 74 11.09 6.10 -1.56
CA LYS A 74 10.62 7.12 -0.63
C LYS A 74 9.47 7.90 -1.25
N ASP A 75 8.55 8.35 -0.39
CA ASP A 75 7.32 8.96 -0.87
C ASP A 75 7.59 10.22 -1.69
N GLN A 76 8.64 10.97 -1.34
CA GLN A 76 8.94 12.18 -2.11
C GLN A 76 9.49 11.86 -3.49
N VAL A 77 10.21 10.75 -3.62
CA VAL A 77 10.68 10.35 -4.95
C VAL A 77 9.52 9.90 -5.81
N THR A 78 8.56 9.18 -5.22
CA THR A 78 7.37 8.78 -5.96
C THR A 78 6.53 10.00 -6.34
N ALA A 79 6.39 10.96 -5.43
CA ALA A 79 5.65 12.18 -5.75
C ALA A 79 6.33 12.98 -6.85
N GLY A 80 7.66 12.97 -6.88
CA GLY A 80 8.37 13.65 -7.95
C GLY A 80 8.10 13.02 -9.32
N ALA A 81 8.08 11.69 -9.36
CA ALA A 81 7.74 10.99 -10.60
C ALA A 81 6.31 11.29 -11.01
N MET A 82 5.38 11.26 -10.05
CA MET A 82 3.99 11.58 -10.35
C MET A 82 3.85 13.02 -10.84
N GLN A 83 4.64 13.93 -10.27
CA GLN A 83 4.57 15.32 -10.71
C GLN A 83 5.11 15.50 -12.11
N ARG A 84 6.18 14.78 -12.46
CA ARG A 84 6.72 14.88 -13.81
C ARG A 84 5.78 14.24 -14.84
N LEU A 85 5.08 13.18 -14.44
CA LEU A 85 4.11 12.57 -15.35
C LEU A 85 2.91 13.49 -15.56
N ARG A 86 2.39 14.08 -14.48
CA ARG A 86 1.25 14.97 -14.60
C ARG A 86 1.59 16.21 -15.42
N ALA A 87 2.83 16.69 -15.35
CA ALA A 87 3.22 17.88 -16.09
C ALA A 87 3.11 17.65 -17.60
N ARG A 88 3.29 16.41 -18.05
CA ARG A 88 3.13 16.08 -19.45
C ARG A 88 1.70 15.72 -19.82
N GLY A 89 0.86 15.42 -18.83
CA GLY A 89 -0.46 14.91 -19.08
C GLY A 89 -0.53 13.43 -18.74
N LEU A 90 -1.12 13.08 -17.59
CA LEU A 90 -1.12 11.71 -17.10
C LEU A 90 -2.49 11.10 -17.33
N THR A 91 -2.66 10.48 -18.50
CA THR A 91 -3.85 9.71 -18.83
C THR A 91 -3.40 8.40 -19.45
N VAL A 92 -4.37 7.47 -19.61
CA VAL A 92 -4.06 6.18 -20.20
C VAL A 92 -3.51 6.35 -21.61
N ASP A 93 -4.12 7.23 -22.40
CA ASP A 93 -3.71 7.40 -23.79
C ASP A 93 -2.34 8.08 -23.89
N SER A 94 -2.11 9.13 -23.10
CA SER A 94 -0.82 9.82 -23.16
C SER A 94 0.32 8.91 -22.68
N ILE A 95 0.03 7.99 -21.76
CA ILE A 95 1.06 7.04 -21.34
C ILE A 95 1.38 6.08 -22.47
N LEU A 96 0.36 5.58 -23.17
CA LEU A 96 0.59 4.68 -24.29
C LEU A 96 1.28 5.38 -25.45
N GLN A 97 1.16 6.70 -25.56
CA GLN A 97 1.88 7.48 -26.57
C GLN A 97 3.29 7.84 -26.13
N THR A 98 3.67 7.53 -24.89
CA THR A 98 5.01 7.78 -24.40
C THR A 98 5.86 6.52 -24.58
N ASP A 99 6.96 6.65 -25.31
CA ASP A 99 7.83 5.49 -25.53
C ASP A 99 8.54 5.10 -24.22
N ASP A 100 9.07 3.88 -24.21
CA ASP A 100 9.64 3.33 -22.99
C ASP A 100 10.81 4.16 -22.48
N ALA A 101 11.68 4.61 -23.39
CA ALA A 101 12.84 5.39 -22.97
C ALA A 101 12.42 6.70 -22.32
N THR A 102 11.42 7.37 -22.88
CA THR A 102 10.94 8.61 -22.28
C THR A 102 10.26 8.35 -20.94
N LEU A 103 9.44 7.30 -20.85
CA LEU A 103 8.79 6.98 -19.59
C LEU A 103 9.80 6.60 -18.52
N GLY A 104 10.90 5.94 -18.90
CA GLY A 104 11.93 5.63 -17.94
C GLY A 104 12.61 6.87 -17.38
N LYS A 105 12.92 7.84 -18.24
CA LYS A 105 13.54 9.08 -17.76
C LYS A 105 12.59 9.87 -16.87
N LEU A 106 11.28 9.74 -17.09
CA LEU A 106 10.30 10.48 -16.31
C LEU A 106 10.16 9.92 -14.89
N ILE A 107 10.17 8.59 -14.73
CA ILE A 107 9.95 8.01 -13.41
C ILE A 107 11.24 7.70 -12.68
N TYR A 108 12.38 7.71 -13.36
CA TYR A 108 13.65 7.63 -12.65
C TYR A 108 13.73 8.76 -11.63
N PRO A 109 14.27 8.50 -10.42
CA PRO A 109 14.89 7.25 -9.96
C PRO A 109 14.06 6.41 -9.01
N VAL A 110 12.78 6.14 -9.31
CA VAL A 110 12.03 5.24 -8.45
C VAL A 110 12.69 3.86 -8.49
N GLY A 111 12.55 3.12 -7.39
CA GLY A 111 13.14 1.79 -7.32
C GLY A 111 12.53 0.88 -8.38
N PHE A 112 13.38 0.02 -8.94
CA PHE A 112 12.98 -0.94 -9.97
C PHE A 112 12.30 -0.25 -11.15
N TRP A 113 12.85 0.89 -11.57
CA TRP A 113 12.15 1.72 -12.55
C TRP A 113 12.02 1.03 -13.90
N ARG A 114 13.00 0.22 -14.31
CA ARG A 114 12.90 -0.47 -15.60
C ARG A 114 11.73 -1.46 -15.61
N SER A 115 11.53 -2.17 -14.51
CA SER A 115 10.38 -3.07 -14.42
C SER A 115 9.08 -2.30 -14.36
N LYS A 116 9.07 -1.17 -13.66
CA LYS A 116 7.84 -0.38 -13.54
C LYS A 116 7.43 0.23 -14.87
N VAL A 117 8.40 0.55 -15.74
CA VAL A 117 8.05 1.01 -17.09
C VAL A 117 7.27 -0.07 -17.82
N LYS A 118 7.75 -1.31 -17.75
CA LYS A 118 7.05 -2.43 -18.37
C LYS A 118 5.66 -2.62 -17.77
N TYR A 119 5.56 -2.57 -16.44
CA TYR A 119 4.29 -2.81 -15.78
C TYR A 119 3.26 -1.73 -16.15
N ILE A 120 3.69 -0.47 -16.17
CA ILE A 120 2.76 0.63 -16.45
C ILE A 120 2.30 0.59 -17.89
N LYS A 121 3.20 0.30 -18.83
CA LYS A 121 2.82 0.25 -20.24
C LYS A 121 1.88 -0.91 -20.52
N GLN A 122 2.17 -2.09 -19.97
CA GLN A 122 1.34 -3.25 -20.26
C GLN A 122 -0.01 -3.15 -19.55
N THR A 123 -0.03 -2.65 -18.31
CA THR A 123 -1.29 -2.42 -17.63
C THR A 123 -2.14 -1.38 -18.35
N SER A 124 -1.52 -0.27 -18.75
CA SER A 124 -2.25 0.78 -19.44
C SER A 124 -2.87 0.28 -20.75
N ALA A 125 -2.17 -0.62 -21.44
CA ALA A 125 -2.74 -1.20 -22.65
C ALA A 125 -3.93 -2.09 -22.34
N ILE A 126 -3.90 -2.80 -21.20
CA ILE A 126 -5.03 -3.61 -20.78
C ILE A 126 -6.24 -2.73 -20.45
N LEU A 127 -6.00 -1.63 -19.73
CA LEU A 127 -7.10 -0.75 -19.36
C LEU A 127 -7.73 -0.10 -20.59
N GLN A 128 -6.89 0.25 -21.57
CA GLN A 128 -7.40 0.86 -22.80
C GLN A 128 -8.25 -0.12 -23.60
N GLN A 129 -7.79 -1.37 -23.71
CA GLN A 129 -8.48 -2.35 -24.55
C GLN A 129 -9.73 -2.89 -23.88
N HIS A 130 -9.66 -3.21 -22.58
CA HIS A 130 -10.69 -4.01 -21.93
C HIS A 130 -11.52 -3.27 -20.90
N TYR A 131 -11.09 -2.10 -20.43
CA TYR A 131 -11.78 -1.41 -19.34
C TYR A 131 -12.21 0.00 -19.72
N GLY A 132 -12.21 0.35 -21.00
CA GLY A 132 -12.63 1.67 -21.40
C GLY A 132 -11.77 2.79 -20.84
N GLY A 133 -10.49 2.53 -20.61
CA GLY A 133 -9.62 3.52 -20.02
C GLY A 133 -9.77 3.69 -18.52
N ASP A 134 -10.59 2.88 -17.86
CA ASP A 134 -10.78 2.91 -16.43
C ASP A 134 -9.91 1.84 -15.78
N ILE A 135 -9.92 1.79 -14.45
CA ILE A 135 -9.22 0.73 -13.73
C ILE A 135 -10.26 -0.32 -13.30
N PRO A 136 -9.85 -1.57 -13.09
CA PRO A 136 -10.80 -2.59 -12.63
C PRO A 136 -11.35 -2.26 -11.25
N ALA A 137 -12.46 -2.92 -10.92
CA ALA A 137 -13.17 -2.69 -9.66
C ALA A 137 -13.36 -3.98 -8.87
N SER A 138 -12.39 -4.89 -8.96
CA SER A 138 -12.37 -6.08 -8.13
C SER A 138 -10.93 -6.50 -7.91
N VAL A 139 -10.68 -7.10 -6.74
CA VAL A 139 -9.32 -7.49 -6.37
C VAL A 139 -8.78 -8.52 -7.35
N ALA A 140 -9.61 -9.50 -7.74
CA ALA A 140 -9.14 -10.56 -8.62
C ALA A 140 -8.67 -10.00 -9.95
N GLU A 141 -9.37 -9.00 -10.49
CA GLU A 141 -8.98 -8.41 -11.76
C GLU A 141 -7.75 -7.52 -11.60
N LEU A 142 -7.63 -6.82 -10.47
CA LEU A 142 -6.50 -5.93 -10.27
C LEU A 142 -5.19 -6.70 -10.12
N VAL A 143 -5.20 -7.80 -9.37
CA VAL A 143 -3.98 -8.57 -9.15
C VAL A 143 -3.54 -9.34 -10.38
N ALA A 144 -4.38 -9.43 -11.39
CA ALA A 144 -4.01 -10.03 -12.67
C ALA A 144 -3.24 -9.06 -13.57
N LEU A 145 -3.24 -7.75 -13.24
CA LEU A 145 -2.51 -6.75 -14.00
C LEU A 145 -1.02 -6.85 -13.74
N PRO A 146 -0.20 -6.54 -14.75
CA PRO A 146 1.26 -6.58 -14.55
C PRO A 146 1.71 -5.66 -13.42
N GLY A 147 2.46 -6.25 -12.49
CA GLY A 147 3.03 -5.47 -11.40
C GLY A 147 2.08 -5.00 -10.32
N VAL A 148 0.87 -5.56 -10.26
CA VAL A 148 -0.11 -5.17 -9.25
C VAL A 148 -0.38 -6.38 -8.37
N GLY A 149 -0.04 -6.26 -7.09
CA GLY A 149 -0.22 -7.34 -6.14
C GLY A 149 -1.42 -7.13 -5.26
N PRO A 150 -1.73 -8.11 -4.41
CA PRO A 150 -2.91 -7.99 -3.53
C PRO A 150 -2.88 -6.78 -2.63
N LYS A 151 -1.69 -6.38 -2.14
CA LYS A 151 -1.60 -5.20 -1.29
C LYS A 151 -2.03 -3.95 -2.03
N MET A 152 -1.52 -3.75 -3.25
CA MET A 152 -1.93 -2.59 -4.04
C MET A 152 -3.40 -2.66 -4.39
N ALA A 153 -3.91 -3.86 -4.63
CA ALA A 153 -5.30 -4.01 -5.05
C ALA A 153 -6.26 -3.53 -3.98
N HIS A 154 -6.04 -3.94 -2.72
CA HIS A 154 -6.92 -3.52 -1.64
C HIS A 154 -6.82 -2.02 -1.39
N LEU A 155 -5.61 -1.45 -1.54
CA LEU A 155 -5.47 -0.01 -1.42
C LEU A 155 -6.15 0.71 -2.57
N ALA A 156 -6.06 0.15 -3.78
CA ALA A 156 -6.73 0.76 -4.94
C ALA A 156 -8.24 0.72 -4.79
N MET A 157 -8.79 -0.40 -4.30
CA MET A 157 -10.23 -0.48 -4.08
C MET A 157 -10.69 0.58 -3.09
N ALA A 158 -9.92 0.81 -2.02
CA ALA A 158 -10.31 1.77 -1.00
C ALA A 158 -10.15 3.20 -1.49
N VAL A 159 -9.04 3.51 -2.15
CA VAL A 159 -8.76 4.90 -2.49
C VAL A 159 -9.49 5.32 -3.77
N ALA A 160 -9.51 4.44 -4.78
CA ALA A 160 -10.12 4.79 -6.06
C ALA A 160 -11.63 4.56 -6.09
N TRP A 161 -12.12 3.48 -5.47
CA TRP A 161 -13.54 3.17 -5.51
C TRP A 161 -14.25 3.36 -4.18
N GLY A 162 -13.53 3.70 -3.11
CA GLY A 162 -14.15 3.81 -1.82
C GLY A 162 -14.69 2.52 -1.25
N THR A 163 -14.09 1.38 -1.64
CA THR A 163 -14.57 0.06 -1.26
C THR A 163 -13.54 -0.63 -0.38
N VAL A 164 -14.00 -1.16 0.75
CA VAL A 164 -13.13 -1.91 1.66
C VAL A 164 -13.23 -3.39 1.25
N SER A 165 -12.22 -3.86 0.52
CA SER A 165 -12.20 -5.23 0.04
C SER A 165 -11.32 -6.14 0.87
N GLY A 166 -10.38 -5.59 1.64
CA GLY A 166 -9.48 -6.40 2.42
C GLY A 166 -8.42 -5.54 3.08
N ILE A 167 -7.52 -6.22 3.79
CA ILE A 167 -6.41 -5.57 4.46
C ILE A 167 -5.18 -5.64 3.57
N ALA A 168 -4.57 -4.50 3.30
CA ALA A 168 -3.34 -4.43 2.52
C ALA A 168 -2.17 -4.74 3.45
N VAL A 169 -1.56 -5.92 3.28
CA VAL A 169 -0.50 -6.39 4.15
C VAL A 169 0.81 -6.31 3.40
N ASP A 170 1.71 -5.45 3.85
CA ASP A 170 3.07 -5.40 3.37
C ASP A 170 3.98 -6.06 4.40
N THR A 171 5.30 -5.86 4.26
CA THR A 171 6.22 -6.44 5.22
CA THR A 171 6.23 -6.44 5.21
C THR A 171 6.11 -5.79 6.58
N HIS A 172 5.72 -4.51 6.63
CA HIS A 172 5.52 -3.85 7.92
C HIS A 172 4.35 -4.46 8.68
N VAL A 173 3.19 -4.58 8.03
CA VAL A 173 2.02 -5.15 8.68
C VAL A 173 2.28 -6.60 9.08
N HIS A 174 2.91 -7.37 8.18
CA HIS A 174 3.19 -8.78 8.47
C HIS A 174 4.09 -8.92 9.69
N ARG A 175 5.13 -8.08 9.79
CA ARG A 175 6.05 -8.16 10.91
C ARG A 175 5.39 -7.75 12.22
N ILE A 176 4.67 -6.62 12.20
CA ILE A 176 4.11 -6.08 13.43
C ILE A 176 2.98 -6.96 13.95
N ALA A 177 2.14 -7.46 13.05
CA ALA A 177 1.06 -8.35 13.47
C ALA A 177 1.59 -9.60 14.13
N ASN A 178 2.73 -10.12 13.68
CA ASN A 178 3.31 -11.30 14.30
C ASN A 178 4.03 -10.96 15.61
N ARG A 179 4.62 -9.77 15.71
CA ARG A 179 5.27 -9.38 16.96
C ARG A 179 4.24 -9.14 18.05
N LEU A 180 3.09 -8.58 17.70
CA LEU A 180 2.03 -8.32 18.66
C LEU A 180 1.08 -9.50 18.83
N ARG A 181 1.31 -10.60 18.11
CA ARG A 181 0.46 -11.79 18.18
C ARG A 181 -0.99 -11.47 17.84
N TRP A 182 -1.17 -10.70 16.76
CA TRP A 182 -2.51 -10.40 16.26
C TRP A 182 -3.08 -11.49 15.38
N THR A 183 -2.34 -12.58 15.17
CA THR A 183 -2.81 -13.73 14.42
C THR A 183 -2.94 -14.91 15.36
N LYS A 184 -3.95 -15.75 15.12
CA LYS A 184 -4.24 -16.87 16.00
C LYS A 184 -3.01 -17.74 16.20
N LYS A 185 -2.29 -18.04 15.12
CA LYS A 185 -0.96 -18.62 15.19
C LYS A 185 -0.04 -17.78 14.31
N ALA A 186 1.26 -17.91 14.55
CA ALA A 186 2.23 -17.16 13.76
C ALA A 186 2.11 -17.52 12.29
N THR A 187 2.03 -16.51 11.43
CA THR A 187 1.87 -16.69 10.00
C THR A 187 3.21 -16.57 9.30
N LYS A 188 3.32 -17.23 8.14
CA LYS A 188 4.57 -17.28 7.40
C LYS A 188 4.63 -16.34 6.21
N SER A 189 3.49 -15.86 5.72
CA SER A 189 3.43 -15.03 4.54
C SER A 189 2.46 -13.88 4.78
N PRO A 190 2.60 -12.77 4.03
CA PRO A 190 1.70 -11.62 4.25
C PRO A 190 0.24 -11.93 3.99
N GLU A 191 -0.07 -12.72 2.96
CA GLU A 191 -1.47 -13.03 2.67
C GLU A 191 -2.06 -13.98 3.72
N GLU A 192 -1.22 -14.79 4.38
CA GLU A 192 -1.67 -15.50 5.56
C GLU A 192 -2.02 -14.53 6.67
N THR A 193 -1.21 -13.49 6.87
CA THR A 193 -1.51 -12.48 7.87
C THR A 193 -2.81 -11.75 7.54
N ARG A 194 -3.04 -11.46 6.26
CA ARG A 194 -4.28 -10.80 5.85
C ARG A 194 -5.50 -11.63 6.25
N ALA A 195 -5.49 -12.92 5.92
CA ALA A 195 -6.63 -13.77 6.24
C ALA A 195 -6.84 -13.86 7.75
N ALA A 196 -5.75 -13.90 8.52
CA ALA A 196 -5.87 -14.01 9.97
C ALA A 196 -6.37 -12.71 10.59
N LEU A 197 -5.90 -11.56 10.09
CA LEU A 197 -6.34 -10.29 10.63
C LEU A 197 -7.80 -10.01 10.29
N GLU A 198 -8.24 -10.40 9.08
CA GLU A 198 -9.60 -10.11 8.65
C GLU A 198 -10.64 -10.90 9.44
N GLU A 199 -10.24 -11.95 10.16
CA GLU A 199 -11.19 -12.75 10.90
C GLU A 199 -11.68 -12.07 12.17
N TRP A 200 -10.97 -11.06 12.67
CA TRP A 200 -11.37 -10.43 13.93
C TRP A 200 -11.33 -8.90 13.85
N LEU A 201 -10.50 -8.34 12.99
CA LEU A 201 -10.39 -6.88 12.91
C LEU A 201 -11.69 -6.29 12.39
N PRO A 202 -12.26 -5.30 13.07
CA PRO A 202 -13.48 -4.65 12.56
C PRO A 202 -13.24 -4.06 11.17
N ARG A 203 -14.27 -4.17 10.32
CA ARG A 203 -14.10 -3.82 8.92
C ARG A 203 -13.83 -2.33 8.71
N GLU A 204 -14.29 -1.48 9.63
CA GLU A 204 -14.04 -0.05 9.50
C GLU A 204 -12.59 0.33 9.74
N LEU A 205 -11.76 -0.61 10.20
CA LEU A 205 -10.35 -0.35 10.42
C LEU A 205 -9.44 -1.00 9.39
N TRP A 206 -10.01 -1.72 8.41
CA TRP A 206 -9.19 -2.49 7.47
C TRP A 206 -8.30 -1.59 6.62
N HIS A 207 -8.84 -0.46 6.15
CA HIS A 207 -8.02 0.42 5.33
C HIS A 207 -7.04 1.22 6.17
N GLU A 208 -7.49 1.72 7.32
CA GLU A 208 -6.65 2.60 8.14
C GLU A 208 -5.48 1.84 8.76
N ILE A 209 -5.64 0.53 8.98
CA ILE A 209 -4.60 -0.22 9.69
C ILE A 209 -3.32 -0.30 8.86
N ASN A 210 -3.43 -0.21 7.53
CA ASN A 210 -2.23 -0.26 6.70
C ASN A 210 -1.37 0.98 6.91
N GLY A 211 -1.97 2.17 6.80
CA GLY A 211 -1.21 3.39 6.98
C GLY A 211 -0.62 3.53 8.37
N LEU A 212 -1.32 3.03 9.39
CA LEU A 212 -0.82 3.14 10.76
C LEU A 212 0.37 2.22 10.99
N LEU A 213 0.25 0.95 10.59
CA LEU A 213 1.31 -0.01 10.86
C LEU A 213 2.53 0.24 9.97
N VAL A 214 2.33 0.76 8.76
CA VAL A 214 3.48 1.10 7.91
C VAL A 214 4.30 2.19 8.57
N GLY A 215 3.64 3.25 9.07
CA GLY A 215 4.36 4.27 9.80
C GLY A 215 4.96 3.75 11.09
N PHE A 216 4.21 2.92 11.82
CA PHE A 216 4.72 2.37 13.07
C PHE A 216 5.97 1.54 12.84
N GLY A 217 5.98 0.73 11.79
CA GLY A 217 7.16 -0.06 11.46
C GLY A 217 8.31 0.76 10.93
N GLN A 218 8.03 1.94 10.36
CA GLN A 218 9.09 2.78 9.81
C GLN A 218 9.83 3.56 10.87
N GLN A 219 9.16 3.96 11.96
CA GLN A 219 9.77 4.84 12.94
C GLN A 219 9.97 4.21 14.31
N THR A 220 9.28 3.11 14.63
CA THR A 220 9.39 2.52 15.94
C THR A 220 9.67 1.02 15.88
N CYS A 221 8.70 0.26 15.37
CA CYS A 221 8.82 -1.19 15.29
C CYS A 221 9.62 -1.57 14.04
N LEU A 222 10.93 -1.29 14.12
CA LEU A 222 11.81 -1.43 12.97
C LEU A 222 12.02 -2.90 12.60
N PRO A 223 12.42 -3.16 11.35
CA PRO A 223 12.73 -4.54 10.97
C PRO A 223 13.81 -5.19 11.84
N VAL A 224 14.90 -4.47 12.10
CA VAL A 224 15.93 -4.95 13.02
C VAL A 224 16.11 -3.91 14.11
N HIS A 225 16.39 -4.40 15.32
CA HIS A 225 16.53 -3.58 16.52
C HIS A 225 15.35 -2.62 16.68
N PRO A 226 14.14 -3.13 16.95
CA PRO A 226 13.01 -2.23 17.17
C PRO A 226 13.21 -1.41 18.44
N ARG A 227 12.69 -0.18 18.41
CA ARG A 227 12.88 0.76 19.50
C ARG A 227 11.86 0.51 20.62
N CYS A 228 11.96 -0.69 21.20
CA CYS A 228 11.00 -1.11 22.23
C CYS A 228 11.10 -0.25 23.48
N HIS A 229 12.30 0.26 23.78
CA HIS A 229 12.48 1.09 24.97
C HIS A 229 11.65 2.36 24.89
N ALA A 230 11.44 2.89 23.68
CA ALA A 230 10.64 4.09 23.47
C ALA A 230 9.28 3.79 22.85
N CYS A 231 8.77 2.57 23.04
CA CYS A 231 7.49 2.15 22.48
C CYS A 231 6.48 2.01 23.60
N LEU A 232 5.29 2.58 23.41
CA LEU A 232 4.23 2.52 24.42
C LEU A 232 3.64 1.12 24.57
N ASN A 233 4.02 0.17 23.72
CA ASN A 233 3.47 -1.18 23.76
C ASN A 233 4.38 -2.17 24.45
N GLN A 234 5.50 -1.73 25.02
CA GLN A 234 6.49 -2.66 25.56
C GLN A 234 5.89 -3.56 26.64
N ALA A 235 5.12 -2.98 27.56
CA ALA A 235 4.50 -3.78 28.61
C ALA A 235 3.40 -4.69 28.09
N LEU A 236 2.95 -4.49 26.85
CA LEU A 236 1.88 -5.30 26.27
C LEU A 236 2.32 -6.10 25.05
N CYS A 237 3.60 -6.04 24.66
CA CYS A 237 4.06 -6.67 23.44
C CYS A 237 4.68 -8.02 23.74
N PRO A 238 4.14 -9.12 23.21
CA PRO A 238 4.77 -10.43 23.46
C PRO A 238 6.19 -10.54 22.94
N ALA A 239 6.52 -9.84 21.86
CA ALA A 239 7.89 -9.88 21.35
C ALA A 239 8.86 -9.19 22.32
N ALA A 240 8.44 -8.07 22.90
CA ALA A 240 9.31 -7.36 23.83
C ALA A 240 9.43 -8.08 25.16
N GLN A 241 8.45 -8.90 25.52
CA GLN A 241 8.47 -9.59 26.79
C GLN A 241 9.15 -10.96 26.72
N GLY A 242 9.56 -11.40 25.54
CA GLY A 242 10.21 -12.69 25.39
C GLY A 242 11.09 -12.79 24.16
#